data_5TMR
#
_entry.id   5TMR
#
_cell.length_a   54.866
_cell.length_b   82.287
_cell.length_c   58.662
_cell.angle_alpha   90.00
_cell.angle_beta   110.72
_cell.angle_gamma   90.00
#
_symmetry.space_group_name_H-M   'P 1 21 1'
#
loop_
_entity.id
_entity.type
_entity.pdbx_description
1 polymer 'Estrogen receptor'
2 polymer 'Nuclear receptor coactivator 2'
3 non-polymer 'ethyl 3-{4-[cyclohexylidene(4-hydroxyphenyl)methyl]phenyl}prop-2-enoate'
4 water water
#
loop_
_entity_poly.entity_id
_entity_poly.type
_entity_poly.pdbx_seq_one_letter_code
_entity_poly.pdbx_strand_id
1 'polypeptide(L)'
;IKRSKKNSLALSLTADQMVSALLDAEPPILYSEYDPTRPFSEASMMGLLTNLADRELVHMINWAKRVPGFVDLTLHDQVH
LLECAWLEILMIGLVWRSMEHPGKLLFAPNLLLDRNQGKCVEGMVEIFDMLLATSSRFRMMNLQGEEFVCLKSIILLNSG
VYTFLSSTLKSLEEKDHIHRVLDKITDTLIHLMAKAGLTLQQQHQRLAQLLLILSHIRHMSNKGMEHLYSMKCKNVVPLS
DLLLEMLDAHRLHAPTS
;
A,B
2 'polypeptide(L)' KHKILHRLLQDSS C,D
#
# COMPACT_ATOMS: atom_id res chain seq x y z
N ASN A 7 -30.20 -4.94 6.50
CA ASN A 7 -30.15 -6.08 7.40
C ASN A 7 -28.95 -5.98 8.35
N SER A 8 -27.91 -5.29 7.89
CA SER A 8 -26.68 -5.18 8.67
C SER A 8 -26.81 -4.13 9.76
N LEU A 9 -26.20 -4.40 10.91
CA LEU A 9 -26.14 -3.42 11.98
C LEU A 9 -25.08 -2.35 11.70
N ALA A 10 -24.03 -2.71 10.95
CA ALA A 10 -22.97 -1.75 10.66
C ALA A 10 -23.47 -0.54 9.90
N LEU A 11 -24.48 -0.73 9.05
CA LEU A 11 -25.03 0.38 8.27
C LEU A 11 -25.97 1.26 9.09
N SER A 12 -26.56 0.71 10.16
CA SER A 12 -27.46 1.48 11.02
C SER A 12 -26.73 2.25 12.10
N LEU A 13 -25.49 1.87 12.41
CA LEU A 13 -24.73 2.55 13.45
C LEU A 13 -24.43 3.99 13.05
N THR A 14 -24.32 4.85 14.05
CA THR A 14 -23.87 6.22 13.83
C THR A 14 -22.36 6.31 13.97
N ALA A 15 -21.81 7.50 13.70
CA ALA A 15 -20.38 7.69 13.78
C ALA A 15 -19.88 7.48 15.21
N ASP A 16 -20.52 8.15 16.17
CA ASP A 16 -20.14 7.96 17.57
C ASP A 16 -20.37 6.52 18.02
N GLN A 17 -21.45 5.90 17.52
CA GLN A 17 -21.69 4.50 17.82
C GLN A 17 -20.64 3.61 17.17
N MET A 18 -20.15 4.01 15.99
CA MET A 18 -19.07 3.26 15.34
C MET A 18 -17.79 3.32 16.16
N VAL A 19 -17.49 4.49 16.75
CA VAL A 19 -16.28 4.65 17.53
C VAL A 19 -16.32 3.80 18.78
N SER A 20 -17.41 3.89 19.54
CA SER A 20 -17.51 3.13 20.79
C SER A 20 -17.47 1.63 20.52
N ALA A 21 -18.11 1.18 19.44
CA ALA A 21 -18.09 -0.24 19.11
C ALA A 21 -16.66 -0.70 18.82
N LEU A 22 -15.87 0.11 18.12
CA LEU A 22 -14.50 -0.27 17.82
C LEU A 22 -13.60 -0.15 19.04
N LEU A 23 -13.84 0.86 19.89
CA LEU A 23 -13.05 1.00 21.11
C LEU A 23 -13.31 -0.15 22.07
N ASP A 24 -14.58 -0.53 22.24
CA ASP A 24 -14.90 -1.65 23.12
C ASP A 24 -14.33 -2.97 22.62
N ALA A 25 -13.97 -3.05 21.34
CA ALA A 25 -13.46 -4.26 20.75
C ALA A 25 -11.95 -4.35 20.77
N GLU A 26 -11.27 -3.34 21.31
CA GLU A 26 -9.81 -3.30 21.25
C GLU A 26 -9.21 -4.50 21.98
N PRO A 27 -8.31 -5.24 21.35
CA PRO A 27 -7.67 -6.37 22.02
C PRO A 27 -6.70 -5.88 23.09
N PRO A 28 -6.34 -6.73 24.04
CA PRO A 28 -5.43 -6.30 25.10
C PRO A 28 -3.98 -6.25 24.61
N ILE A 29 -3.17 -5.53 25.38
CA ILE A 29 -1.73 -5.47 25.13
C ILE A 29 -1.09 -6.65 25.84
N LEU A 30 -0.44 -7.50 25.08
CA LEU A 30 0.12 -8.74 25.61
C LEU A 30 1.56 -8.55 26.06
N TYR A 31 1.99 -9.40 26.98
CA TYR A 31 3.35 -9.44 27.47
C TYR A 31 4.14 -10.52 26.75
N SER A 32 5.45 -10.32 26.67
CA SER A 32 6.37 -11.33 26.17
C SER A 32 7.05 -12.04 27.34
N GLU A 33 7.85 -13.05 27.02
CA GLU A 33 8.65 -13.76 28.03
C GLU A 33 10.09 -13.27 28.02
N TYR A 34 10.27 -11.97 27.81
CA TYR A 34 11.61 -11.39 27.77
C TYR A 34 12.22 -11.37 29.17
N ASP A 35 13.47 -11.78 29.27
CA ASP A 35 14.21 -11.78 30.53
C ASP A 35 15.39 -10.83 30.41
N PRO A 36 15.37 -9.67 31.07
CA PRO A 36 16.51 -8.75 30.97
C PRO A 36 17.80 -9.32 31.52
N THR A 37 17.73 -10.32 32.39
CA THR A 37 18.95 -10.92 32.93
C THR A 37 19.71 -11.70 31.87
N ARG A 38 19.02 -12.20 30.84
CA ARG A 38 19.65 -12.98 29.79
C ARG A 38 19.78 -12.13 28.53
N PRO A 39 20.97 -11.61 28.21
CA PRO A 39 21.14 -10.91 26.93
C PRO A 39 21.15 -11.88 25.77
N PHE A 40 19.99 -12.48 25.50
CA PHE A 40 19.90 -13.59 24.56
C PHE A 40 20.17 -13.11 23.13
N SER A 41 20.30 -14.08 22.23
CA SER A 41 20.77 -13.83 20.87
C SER A 41 19.63 -13.37 19.97
N GLU A 42 19.90 -13.32 18.66
CA GLU A 42 18.90 -12.88 17.69
C GLU A 42 17.85 -13.95 17.43
N ALA A 43 18.27 -15.21 17.37
CA ALA A 43 17.31 -16.30 17.17
C ALA A 43 16.31 -16.39 18.32
N SER A 44 16.72 -15.95 19.51
CA SER A 44 15.81 -15.94 20.65
C SER A 44 14.87 -14.74 20.61
N MET A 45 15.38 -13.58 20.19
CA MET A 45 14.53 -12.40 20.08
C MET A 45 13.40 -12.63 19.07
N MET A 46 13.71 -13.28 17.95
CA MET A 46 12.65 -13.65 17.01
C MET A 46 11.71 -14.68 17.62
N GLY A 47 12.22 -15.56 18.48
CA GLY A 47 11.34 -16.47 19.18
C GLY A 47 10.36 -15.76 20.08
N LEU A 48 10.82 -14.70 20.76
CA LEU A 48 9.92 -13.88 21.57
C LEU A 48 8.90 -13.16 20.69
N LEU A 49 9.34 -12.63 19.55
CA LEU A 49 8.41 -11.92 18.66
C LEU A 49 7.47 -12.90 17.97
N THR A 50 7.97 -14.09 17.60
CA THR A 50 7.10 -15.10 17.02
C THR A 50 6.07 -15.59 18.03
N ASN A 51 6.49 -15.83 19.27
CA ASN A 51 5.55 -16.24 20.30
C ASN A 51 4.53 -15.14 20.58
N LEU A 52 4.98 -13.89 20.65
CA LEU A 52 4.07 -12.77 20.90
C LEU A 52 3.07 -12.60 19.76
N ALA A 53 3.57 -12.63 18.52
CA ALA A 53 2.68 -12.45 17.37
C ALA A 53 1.66 -13.58 17.29
N ASP A 54 2.07 -14.80 17.62
CA ASP A 54 1.15 -15.93 17.58
C ASP A 54 0.01 -15.75 18.58
N ARG A 55 0.34 -15.28 19.79
CA ARG A 55 -0.72 -15.05 20.77
C ARG A 55 -1.58 -13.85 20.41
N GLU A 56 -0.98 -12.82 19.78
CA GLU A 56 -1.76 -11.68 19.34
C GLU A 56 -2.75 -12.07 18.25
N LEU A 57 -2.40 -13.03 17.39
CA LEU A 57 -3.29 -13.46 16.32
C LEU A 57 -4.61 -13.96 16.86
N VAL A 58 -4.58 -14.69 17.98
CA VAL A 58 -5.80 -15.23 18.56
C VAL A 58 -6.74 -14.11 18.97
N HIS A 59 -6.20 -13.05 19.58
CA HIS A 59 -7.03 -11.91 19.95
C HIS A 59 -7.50 -11.14 18.72
N MET A 60 -6.63 -11.02 17.71
CA MET A 60 -7.03 -10.33 16.48
C MET A 60 -8.20 -11.02 15.81
N ILE A 61 -8.20 -12.36 15.80
CA ILE A 61 -9.27 -13.11 15.15
C ILE A 61 -10.60 -12.82 15.83
N ASN A 62 -10.62 -12.79 17.17
CA ASN A 62 -11.84 -12.45 17.89
C ASN A 62 -12.14 -10.96 17.82
N TRP A 63 -11.11 -10.12 17.68
CA TRP A 63 -11.36 -8.70 17.46
C TRP A 63 -12.04 -8.46 16.11
N ALA A 64 -11.65 -9.24 15.09
CA ALA A 64 -12.22 -9.04 13.76
C ALA A 64 -13.72 -9.32 13.74
N LYS A 65 -14.16 -10.30 14.52
CA LYS A 65 -15.59 -10.59 14.61
C LYS A 65 -16.37 -9.38 15.14
N ARG A 66 -15.74 -8.60 16.02
CA ARG A 66 -16.39 -7.43 16.60
C ARG A 66 -16.37 -6.22 15.68
N VAL A 67 -15.64 -6.27 14.57
CA VAL A 67 -15.61 -5.15 13.62
C VAL A 67 -16.95 -5.09 12.88
N PRO A 68 -17.60 -3.93 12.83
CA PRO A 68 -18.92 -3.85 12.19
C PRO A 68 -18.85 -4.23 10.71
N GLY A 69 -19.72 -5.15 10.31
CA GLY A 69 -19.79 -5.62 8.95
C GLY A 69 -18.99 -6.88 8.67
N PHE A 70 -18.02 -7.21 9.51
CA PHE A 70 -17.16 -8.36 9.25
C PHE A 70 -17.92 -9.68 9.39
N VAL A 71 -18.90 -9.73 10.30
CA VAL A 71 -19.68 -10.95 10.48
C VAL A 71 -20.65 -11.16 9.31
N ASP A 72 -21.14 -10.08 8.72
CA ASP A 72 -22.04 -10.18 7.58
C ASP A 72 -21.38 -10.80 6.36
N LEU A 73 -20.08 -11.02 6.38
CA LEU A 73 -19.36 -11.64 5.28
C LEU A 73 -19.35 -13.16 5.43
N THR A 74 -19.11 -13.84 4.32
CA THR A 74 -19.02 -15.29 4.36
C THR A 74 -17.74 -15.72 5.10
N LEU A 75 -17.71 -16.99 5.49
CA LEU A 75 -16.58 -17.48 6.28
C LEU A 75 -15.29 -17.44 5.48
N HIS A 76 -15.32 -17.93 4.23
CA HIS A 76 -14.11 -17.95 3.42
C HIS A 76 -13.62 -16.54 3.10
N ASP A 77 -14.52 -15.56 3.04
CA ASP A 77 -14.09 -14.18 2.85
C ASP A 77 -13.44 -13.63 4.11
N GLN A 78 -13.93 -14.03 5.28
CA GLN A 78 -13.26 -13.66 6.53
C GLN A 78 -11.87 -14.24 6.59
N VAL A 79 -11.70 -15.49 6.15
CA VAL A 79 -10.37 -16.10 6.11
C VAL A 79 -9.46 -15.32 5.18
N HIS A 80 -9.96 -14.98 3.99
CA HIS A 80 -9.14 -14.25 3.02
C HIS A 80 -8.74 -12.87 3.53
N LEU A 81 -9.68 -12.17 4.17
CA LEU A 81 -9.38 -10.83 4.68
C LEU A 81 -8.29 -10.87 5.75
N LEU A 82 -8.37 -11.83 6.67
CA LEU A 82 -7.38 -11.92 7.74
C LEU A 82 -6.04 -12.41 7.22
N GLU A 83 -6.06 -13.39 6.31
CA GLU A 83 -4.80 -13.93 5.79
C GLU A 83 -3.96 -12.86 5.11
N CYS A 84 -4.58 -11.83 4.55
CA CYS A 84 -3.85 -10.78 3.84
CA CYS A 84 -3.87 -10.77 3.84
C CYS A 84 -3.61 -9.54 4.69
N ALA A 85 -4.41 -9.32 5.75
CA ALA A 85 -4.27 -8.12 6.56
C ALA A 85 -3.61 -8.34 7.92
N TRP A 86 -3.37 -9.58 8.32
CA TRP A 86 -3.00 -9.85 9.71
C TRP A 86 -1.68 -9.20 10.09
N LEU A 87 -0.69 -9.23 9.19
CA LEU A 87 0.58 -8.59 9.51
C LEU A 87 0.48 -7.07 9.50
N GLU A 88 -0.35 -6.52 8.62
CA GLU A 88 -0.61 -5.07 8.65
C GLU A 88 -1.22 -4.65 9.97
N ILE A 89 -2.18 -5.44 10.48
CA ILE A 89 -2.85 -5.11 11.73
C ILE A 89 -1.89 -5.23 12.91
N LEU A 90 -1.04 -6.26 12.90
CA LEU A 90 -0.01 -6.37 13.93
C LEU A 90 0.93 -5.18 13.91
N MET A 91 1.30 -4.71 12.72
CA MET A 91 2.28 -3.65 12.60
C MET A 91 1.72 -2.30 13.00
N ILE A 92 0.50 -1.97 12.56
CA ILE A 92 -0.08 -0.68 12.93
C ILE A 92 -0.39 -0.65 14.43
N GLY A 93 -0.72 -1.80 15.02
CA GLY A 93 -0.87 -1.86 16.46
C GLY A 93 0.45 -1.65 17.17
N LEU A 94 1.51 -2.31 16.70
CA LEU A 94 2.84 -2.09 17.24
C LEU A 94 3.27 -0.63 17.10
N VAL A 95 2.99 -0.04 15.94
CA VAL A 95 3.36 1.36 15.70
C VAL A 95 2.58 2.28 16.62
N TRP A 96 1.30 1.96 16.85
CA TRP A 96 0.46 2.79 17.72
C TRP A 96 0.93 2.70 19.17
N ARG A 97 1.30 1.51 19.64
CA ARG A 97 1.78 1.38 21.02
C ARG A 97 3.10 2.13 21.23
N SER A 98 3.85 2.40 20.16
CA SER A 98 5.18 2.98 20.26
C SER A 98 5.20 4.48 20.04
N MET A 99 4.03 5.12 19.93
CA MET A 99 3.99 6.56 19.64
C MET A 99 4.74 7.36 20.71
N GLU A 100 4.48 7.07 21.97
CA GLU A 100 5.07 7.83 23.08
C GLU A 100 6.47 7.36 23.45
N HIS A 101 7.10 6.52 22.64
CA HIS A 101 8.46 6.04 22.88
C HIS A 101 9.30 6.32 21.65
N PRO A 102 9.79 7.56 21.49
CA PRO A 102 10.55 7.90 20.28
C PRO A 102 11.82 7.07 20.16
N GLY A 103 12.10 6.64 18.93
CA GLY A 103 13.26 5.82 18.68
C GLY A 103 13.21 4.42 19.22
N LYS A 104 12.04 3.96 19.68
CA LYS A 104 11.90 2.63 20.26
C LYS A 104 10.58 2.01 19.83
N LEU A 105 10.57 0.69 19.76
CA LEU A 105 9.37 -0.07 19.43
C LEU A 105 8.92 -0.87 20.65
N LEU A 106 7.71 -0.59 21.13
CA LEU A 106 7.16 -1.29 22.29
C LEU A 106 6.41 -2.52 21.80
N PHE A 107 7.15 -3.61 21.62
CA PHE A 107 6.52 -4.88 21.29
C PHE A 107 5.64 -5.36 22.43
N ALA A 108 6.06 -5.12 23.66
CA ALA A 108 5.31 -5.45 24.86
C ALA A 108 5.74 -4.49 25.95
N PRO A 109 4.92 -4.33 27.01
CA PRO A 109 5.30 -3.41 28.09
C PRO A 109 6.66 -3.72 28.71
N ASN A 110 7.11 -4.97 28.58
CA ASN A 110 8.41 -5.38 29.06
C ASN A 110 9.43 -5.59 27.95
N LEU A 111 9.06 -5.34 26.70
CA LEU A 111 9.94 -5.54 25.55
C LEU A 111 9.98 -4.24 24.74
N LEU A 112 10.89 -3.35 25.10
CA LEU A 112 11.08 -2.07 24.42
C LEU A 112 12.45 -2.09 23.77
N LEU A 113 12.47 -2.05 22.44
CA LEU A 113 13.70 -2.22 21.65
C LEU A 113 13.95 -1.00 20.78
N ASP A 114 15.21 -0.62 20.68
CA ASP A 114 15.65 0.41 19.74
C ASP A 114 16.21 -0.27 18.49
N ARG A 115 16.57 0.54 17.50
CA ARG A 115 17.04 0.00 16.22
C ARG A 115 18.39 -0.70 16.34
N ASN A 116 19.15 -0.44 17.41
CA ASN A 116 20.45 -1.10 17.57
C ASN A 116 20.27 -2.59 17.86
N GLN A 117 19.26 -2.94 18.66
CA GLN A 117 18.99 -4.34 18.95
C GLN A 117 18.21 -5.03 17.84
N GLY A 118 17.66 -4.29 16.88
CA GLY A 118 17.03 -4.89 15.73
C GLY A 118 18.01 -5.39 14.68
N LYS A 119 19.24 -4.87 14.70
CA LYS A 119 20.27 -5.32 13.76
C LYS A 119 20.72 -6.75 14.04
N CYS A 120 20.36 -7.32 15.20
CA CYS A 120 20.79 -8.67 15.52
C CYS A 120 20.27 -9.68 14.50
N VAL A 121 19.05 -9.48 14.02
CA VAL A 121 18.47 -10.34 12.99
C VAL A 121 18.76 -9.75 11.63
N GLU A 122 19.10 -10.61 10.67
CA GLU A 122 19.47 -10.14 9.34
C GLU A 122 18.27 -9.55 8.62
N GLY A 123 18.49 -8.42 7.96
CA GLY A 123 17.42 -7.71 7.27
C GLY A 123 16.37 -7.12 8.18
N MET A 124 16.45 -7.34 9.49
CA MET A 124 15.46 -6.83 10.42
C MET A 124 15.56 -5.32 10.59
N VAL A 125 16.76 -4.76 10.39
CA VAL A 125 16.99 -3.34 10.67
C VAL A 125 16.14 -2.47 9.75
N GLU A 126 15.96 -2.89 8.50
CA GLU A 126 15.19 -2.08 7.55
C GLU A 126 13.73 -1.99 7.95
N ILE A 127 13.13 -3.11 8.37
CA ILE A 127 11.74 -3.09 8.78
C ILE A 127 11.58 -2.30 10.08
N PHE A 128 12.59 -2.33 10.94
CA PHE A 128 12.53 -1.56 12.18
C PHE A 128 12.47 -0.06 11.90
N ASP A 129 13.32 0.42 10.98
CA ASP A 129 13.35 1.84 10.67
C ASP A 129 12.04 2.33 10.07
N MET A 130 11.42 1.50 9.23
CA MET A 130 10.13 1.88 8.65
C MET A 130 9.05 1.94 9.72
N LEU A 131 9.08 1.02 10.69
CA LEU A 131 8.13 1.08 11.79
C LEU A 131 8.36 2.30 12.66
N LEU A 132 9.63 2.63 12.94
CA LEU A 132 9.94 3.82 13.71
C LEU A 132 9.48 5.08 12.99
N ALA A 133 9.74 5.16 11.68
CA ALA A 133 9.32 6.34 10.91
C ALA A 133 7.80 6.46 10.89
N THR A 134 7.09 5.33 10.84
CA THR A 134 5.64 5.38 10.90
C THR A 134 5.17 5.84 12.28
N SER A 135 5.84 5.41 13.34
CA SER A 135 5.47 5.84 14.69
C SER A 135 5.70 7.32 14.88
N SER A 136 6.87 7.82 14.45
CA SER A 136 7.13 9.25 14.53
C SER A 136 6.20 10.04 13.62
N ARG A 137 5.72 9.42 12.54
CA ARG A 137 4.72 10.08 11.70
C ARG A 137 3.40 10.22 12.43
N PHE A 138 2.96 9.16 13.12
CA PHE A 138 1.77 9.26 13.96
C PHE A 138 1.96 10.29 15.07
N ARG A 139 3.19 10.43 15.58
CA ARG A 139 3.42 11.35 16.69
C ARG A 139 3.29 12.81 16.24
N MET A 140 3.89 13.16 15.11
CA MET A 140 3.79 14.52 14.61
C MET A 140 2.37 14.86 14.18
N MET A 141 1.62 13.87 13.69
CA MET A 141 0.21 14.06 13.37
C MET A 141 -0.66 14.13 14.62
N ASN A 142 -0.14 13.72 15.78
CA ASN A 142 -0.93 13.55 16.99
C ASN A 142 -2.16 12.69 16.71
N LEU A 143 -1.87 11.47 16.24
CA LEU A 143 -2.95 10.53 15.94
C LEU A 143 -3.73 10.20 17.20
N GLN A 144 -5.05 10.20 17.08
CA GLN A 144 -5.93 9.94 18.21
C GLN A 144 -6.38 8.48 18.20
N GLY A 145 -6.73 7.98 19.39
CA GLY A 145 -7.15 6.59 19.49
C GLY A 145 -8.40 6.29 18.69
N GLU A 146 -9.33 7.25 18.61
CA GLU A 146 -10.52 7.06 17.79
C GLU A 146 -10.18 6.97 16.32
N GLU A 147 -9.12 7.65 15.88
CA GLU A 147 -8.67 7.55 14.51
C GLU A 147 -7.91 6.25 14.27
N PHE A 148 -7.20 5.75 15.28
CA PHE A 148 -6.44 4.52 15.13
C PHE A 148 -7.36 3.33 14.89
N VAL A 149 -8.43 3.22 15.68
CA VAL A 149 -9.33 2.07 15.56
C VAL A 149 -10.04 2.09 14.21
N CYS A 150 -10.29 3.28 13.67
CA CYS A 150 -10.87 3.36 12.32
C CYS A 150 -9.89 2.88 11.27
N LEU A 151 -8.65 3.36 11.33
CA LEU A 151 -7.63 2.95 10.37
C LEU A 151 -7.39 1.45 10.43
N LYS A 152 -7.33 0.88 11.63
CA LYS A 152 -7.09 -0.55 11.77
C LYS A 152 -8.23 -1.36 11.17
N SER A 153 -9.47 -0.91 11.36
CA SER A 153 -10.61 -1.62 10.78
C SER A 153 -10.68 -1.42 9.28
N ILE A 154 -10.20 -0.28 8.77
CA ILE A 154 -10.12 -0.07 7.33
C ILE A 154 -9.15 -1.07 6.70
N ILE A 155 -8.00 -1.27 7.35
CA ILE A 155 -7.00 -2.21 6.85
C ILE A 155 -7.60 -3.61 6.72
N LEU A 156 -8.41 -4.01 7.70
CA LEU A 156 -8.99 -5.35 7.68
C LEU A 156 -9.94 -5.52 6.51
N LEU A 157 -10.75 -4.50 6.21
CA LEU A 157 -11.75 -4.62 5.16
C LEU A 157 -11.17 -4.38 3.78
N ASN A 158 -10.10 -3.58 3.66
CA ASN A 158 -9.60 -3.13 2.37
C ASN A 158 -8.45 -3.94 1.83
N SER A 159 -7.62 -4.54 2.70
CA SER A 159 -6.38 -5.13 2.24
C SER A 159 -6.58 -6.38 1.38
N GLY A 160 -7.76 -6.99 1.42
CA GLY A 160 -7.98 -8.19 0.65
C GLY A 160 -9.21 -8.13 -0.25
N VAL A 161 -9.79 -6.94 -0.39
CA VAL A 161 -11.04 -6.83 -1.15
C VAL A 161 -10.82 -6.95 -2.65
N TYR A 162 -9.61 -6.66 -3.14
CA TYR A 162 -9.30 -6.79 -4.56
C TYR A 162 -8.60 -8.09 -4.90
N THR A 163 -8.30 -8.93 -3.90
CA THR A 163 -7.64 -10.21 -4.11
C THR A 163 -8.62 -11.38 -4.07
N PHE A 164 -9.92 -11.11 -4.05
CA PHE A 164 -10.93 -12.15 -4.04
C PHE A 164 -10.87 -13.02 -5.30
N THR A 168 -18.98 -16.56 -8.36
CA THR A 168 -18.56 -15.71 -9.47
C THR A 168 -19.36 -14.42 -9.50
N LEU A 169 -20.58 -14.48 -10.05
CA LEU A 169 -21.42 -13.29 -10.11
C LEU A 169 -22.01 -12.95 -8.75
N LYS A 170 -22.22 -13.95 -7.89
CA LYS A 170 -22.81 -13.70 -6.58
C LYS A 170 -21.78 -13.21 -5.57
N SER A 171 -20.50 -13.56 -5.77
CA SER A 171 -19.46 -13.16 -4.82
C SER A 171 -19.19 -11.66 -4.84
N LEU A 172 -19.48 -11.00 -5.95
CA LEU A 172 -19.26 -9.55 -6.03
C LEU A 172 -20.35 -8.74 -5.33
N GLU A 173 -21.45 -9.37 -4.94
CA GLU A 173 -22.46 -8.67 -4.14
C GLU A 173 -21.95 -8.43 -2.72
N GLU A 174 -21.25 -9.42 -2.14
CA GLU A 174 -20.62 -9.22 -0.85
C GLU A 174 -19.47 -8.24 -0.94
N LYS A 175 -18.84 -8.13 -2.12
CA LYS A 175 -17.80 -7.12 -2.32
C LYS A 175 -18.37 -5.71 -2.23
N ASP A 176 -19.62 -5.52 -2.68
CA ASP A 176 -20.26 -4.21 -2.57
C ASP A 176 -20.57 -3.87 -1.13
N HIS A 177 -20.92 -4.86 -0.31
CA HIS A 177 -21.22 -4.61 1.10
C HIS A 177 -19.97 -4.14 1.85
N ILE A 178 -18.79 -4.59 1.43
CA ILE A 178 -17.55 -4.17 2.10
C ILE A 178 -17.28 -2.69 1.82
N HIS A 179 -17.55 -2.24 0.59
CA HIS A 179 -17.33 -0.83 0.27
C HIS A 179 -18.32 0.06 1.00
N ARG A 180 -19.51 -0.45 1.32
CA ARG A 180 -20.46 0.33 2.10
C ARG A 180 -19.93 0.60 3.50
N VAL A 181 -19.37 -0.42 4.15
CA VAL A 181 -18.81 -0.25 5.48
C VAL A 181 -17.59 0.66 5.43
N LEU A 182 -16.78 0.53 4.38
CA LEU A 182 -15.61 1.39 4.23
C LEU A 182 -16.02 2.85 4.15
N ASP A 183 -17.03 3.17 3.35
CA ASP A 183 -17.52 4.54 3.28
C ASP A 183 -18.08 4.99 4.62
N LYS A 184 -18.65 4.07 5.40
CA LYS A 184 -19.16 4.45 6.71
C LYS A 184 -18.03 4.78 7.68
N ILE A 185 -16.93 4.02 7.63
CA ILE A 185 -15.77 4.34 8.45
C ILE A 185 -15.15 5.66 8.00
N THR A 186 -15.19 5.95 6.70
CA THR A 186 -14.72 7.25 6.21
C THR A 186 -15.56 8.39 6.80
N ASP A 187 -16.88 8.21 6.84
CA ASP A 187 -17.74 9.20 7.49
C ASP A 187 -17.37 9.36 8.95
N THR A 188 -16.97 8.27 9.60
CA THR A 188 -16.59 8.34 11.01
C THR A 188 -15.32 9.16 11.20
N LEU A 189 -14.32 8.95 10.34
CA LEU A 189 -13.09 9.73 10.43
C LEU A 189 -13.35 11.21 10.22
N ILE A 190 -14.22 11.56 9.28
CA ILE A 190 -14.55 12.96 9.04
C ILE A 190 -15.30 13.54 10.22
N HIS A 191 -16.21 12.77 10.81
CA HIS A 191 -16.95 13.24 11.97
C HIS A 191 -16.02 13.54 13.13
N LEU A 192 -14.99 12.71 13.33
CA LEU A 192 -14.04 12.95 14.40
C LEU A 192 -13.24 14.22 14.16
N MET A 193 -12.80 14.46 12.93
CA MET A 193 -12.00 15.64 12.63
C MET A 193 -12.85 16.92 12.70
N ALA A 194 -14.12 16.83 12.31
CA ALA A 194 -15.01 17.98 12.50
C ALA A 194 -15.29 18.23 13.96
N LYS A 195 -15.29 17.18 14.79
CA LYS A 195 -15.49 17.36 16.22
C LYS A 195 -14.26 18.00 16.87
N ALA A 196 -13.07 17.80 16.29
CA ALA A 196 -11.84 18.36 16.83
C ALA A 196 -11.59 19.79 16.37
N GLY A 197 -12.55 20.43 15.71
CA GLY A 197 -12.40 21.82 15.34
C GLY A 197 -11.59 22.09 14.09
N LEU A 198 -11.54 21.14 13.16
CA LEU A 198 -10.80 21.29 11.93
C LEU A 198 -11.73 21.75 10.81
N THR A 199 -11.21 22.65 9.96
CA THR A 199 -11.98 23.11 8.82
C THR A 199 -12.14 21.99 7.79
N LEU A 200 -13.03 22.22 6.82
CA LEU A 200 -13.23 21.24 5.76
C LEU A 200 -11.94 20.98 5.00
N GLN A 201 -11.12 22.01 4.81
CA GLN A 201 -9.83 21.82 4.16
C GLN A 201 -8.91 20.97 5.02
N GLN A 202 -8.94 21.17 6.34
CA GLN A 202 -8.08 20.39 7.23
C GLN A 202 -8.57 18.95 7.38
N GLN A 203 -9.88 18.73 7.32
CA GLN A 203 -10.41 17.38 7.43
C GLN A 203 -9.99 16.53 6.24
N HIS A 204 -10.12 17.06 5.02
CA HIS A 204 -9.77 16.32 3.82
C HIS A 204 -8.27 16.05 3.77
N GLN A 205 -7.46 17.01 4.20
CA GLN A 205 -6.01 16.82 4.23
C GLN A 205 -5.63 15.72 5.21
N ARG A 206 -6.11 15.83 6.46
CA ARG A 206 -5.78 14.83 7.46
C ARG A 206 -6.29 13.45 7.06
N LEU A 207 -7.50 13.38 6.50
CA LEU A 207 -8.03 12.12 6.01
C LEU A 207 -7.10 11.52 4.96
N ALA A 208 -6.60 12.34 4.05
CA ALA A 208 -5.67 11.85 3.03
C ALA A 208 -4.36 11.42 3.66
N GLN A 209 -3.83 12.20 4.60
CA GLN A 209 -2.57 11.86 5.23
C GLN A 209 -2.64 10.52 5.93
N LEU A 210 -3.76 10.24 6.61
CA LEU A 210 -3.90 8.97 7.32
C LEU A 210 -3.98 7.79 6.35
N LEU A 211 -4.73 7.95 5.26
CA LEU A 211 -4.91 6.84 4.33
C LEU A 211 -3.66 6.58 3.52
N LEU A 212 -2.81 7.59 3.32
CA LEU A 212 -1.53 7.38 2.65
C LEU A 212 -0.57 6.58 3.53
N ILE A 213 -0.73 6.62 4.85
CA ILE A 213 0.08 5.79 5.73
C ILE A 213 -0.16 4.32 5.46
N LEU A 214 -1.39 3.96 5.10
CA LEU A 214 -1.74 2.54 4.93
C LEU A 214 -0.97 1.92 3.77
N SER A 215 -0.61 2.70 2.75
CA SER A 215 0.20 2.15 1.67
C SER A 215 1.61 1.84 2.16
N HIS A 216 2.13 2.66 3.07
CA HIS A 216 3.42 2.35 3.68
CA HIS A 216 3.42 2.35 3.69
C HIS A 216 3.32 1.16 4.62
N ILE A 217 2.18 1.02 5.31
CA ILE A 217 1.97 -0.15 6.17
C ILE A 217 1.84 -1.40 5.32
N ARG A 218 1.20 -1.28 4.15
CA ARG A 218 1.19 -2.39 3.19
C ARG A 218 2.60 -2.74 2.76
N HIS A 219 3.42 -1.72 2.49
CA HIS A 219 4.82 -1.96 2.11
C HIS A 219 5.58 -2.67 3.22
N MET A 220 5.39 -2.25 4.47
CA MET A 220 6.07 -2.90 5.59
C MET A 220 5.63 -4.34 5.74
N SER A 221 4.34 -4.61 5.56
CA SER A 221 3.86 -5.99 5.67
C SER A 221 4.42 -6.86 4.55
N ASN A 222 4.44 -6.34 3.32
CA ASN A 222 5.01 -7.10 2.21
C ASN A 222 6.45 -7.49 2.47
N LYS A 223 7.28 -6.51 2.85
CA LYS A 223 8.66 -6.81 3.21
C LYS A 223 8.73 -7.69 4.44
N GLY A 224 7.78 -7.54 5.37
CA GLY A 224 7.77 -8.42 6.53
C GLY A 224 7.46 -9.85 6.18
N MET A 225 6.47 -10.07 5.31
CA MET A 225 6.14 -11.43 4.86
C MET A 225 7.35 -12.11 4.24
N GLU A 226 8.10 -11.38 3.41
CA GLU A 226 9.26 -11.97 2.75
C GLU A 226 10.33 -12.35 3.76
N HIS A 227 10.48 -11.56 4.84
CA HIS A 227 11.44 -11.91 5.87
C HIS A 227 10.98 -13.14 6.65
N LEU A 228 9.68 -13.26 6.91
CA LEU A 228 9.16 -14.42 7.61
C LEU A 228 9.34 -15.70 6.79
N TYR A 229 9.23 -15.59 5.47
CA TYR A 229 9.40 -16.77 4.62
C TYR A 229 10.83 -17.30 4.71
N SER A 230 11.81 -16.41 4.83
CA SER A 230 13.20 -16.85 4.95
C SER A 230 13.46 -17.57 6.27
N MET A 231 12.75 -17.17 7.34
CA MET A 231 12.94 -17.82 8.64
C MET A 231 12.44 -19.25 8.62
N LYS A 232 11.33 -19.51 7.92
CA LYS A 232 10.82 -20.87 7.81
C LYS A 232 11.83 -21.78 7.11
N CYS A 233 12.38 -21.33 5.99
CA CYS A 233 13.37 -22.12 5.27
C CYS A 233 14.68 -22.19 6.05
N LYS A 234 15.00 -21.15 6.82
CA LYS A 234 16.21 -21.20 7.65
C LYS A 234 16.06 -22.17 8.81
N ASN A 235 14.83 -22.39 9.27
CA ASN A 235 14.53 -23.35 10.34
C ASN A 235 15.33 -23.04 11.60
N VAL A 236 15.39 -21.76 11.96
CA VAL A 236 16.13 -21.34 13.13
C VAL A 236 15.21 -20.90 14.27
N VAL A 237 14.05 -20.34 13.98
CA VAL A 237 13.13 -19.83 14.99
C VAL A 237 11.88 -20.68 14.96
N PRO A 238 11.41 -21.20 16.10
CA PRO A 238 10.19 -22.01 16.10
C PRO A 238 8.95 -21.22 15.73
N LEU A 239 8.43 -21.45 14.53
CA LEU A 239 7.21 -20.79 14.07
C LEU A 239 6.00 -21.65 14.41
N SER A 240 4.99 -21.03 15.03
CA SER A 240 3.79 -21.75 15.43
C SER A 240 3.02 -22.22 14.20
N ASP A 241 2.11 -23.16 14.43
CA ASP A 241 1.34 -23.73 13.32
C ASP A 241 0.38 -22.71 12.72
N LEU A 242 -0.05 -21.71 13.50
CA LEU A 242 -0.92 -20.68 12.95
C LEU A 242 -0.15 -19.69 12.08
N LEU A 243 1.03 -19.28 12.52
CA LEU A 243 1.84 -18.35 11.72
C LEU A 243 2.31 -19.03 10.44
N LEU A 244 2.67 -20.32 10.51
CA LEU A 244 3.05 -21.04 9.30
C LEU A 244 1.87 -21.16 8.33
N GLU A 245 0.65 -21.25 8.87
CA GLU A 245 -0.52 -21.30 8.00
C GLU A 245 -0.83 -19.94 7.40
N MET A 246 -0.64 -18.86 8.19
CA MET A 246 -0.80 -17.52 7.66
C MET A 246 0.27 -17.20 6.62
N LEU A 247 1.48 -17.72 6.83
CA LEU A 247 2.58 -17.45 5.90
C LEU A 247 2.36 -18.15 4.57
N ASP A 248 1.80 -19.36 4.60
CA ASP A 248 1.50 -20.08 3.37
C ASP A 248 0.35 -19.46 2.58
N ALA A 249 -0.39 -18.53 3.17
CA ALA A 249 -1.47 -17.86 2.45
C ALA A 249 -0.93 -16.85 1.44
N HIS A 250 0.27 -16.31 1.67
CA HIS A 250 0.89 -15.37 0.77
C HIS A 250 1.87 -16.02 -0.20
N ARG A 251 2.06 -17.34 -0.11
CA ARG A 251 2.98 -18.07 -0.98
C ARG A 251 4.39 -17.50 -0.92
N LYS B 3 -7.92 -25.89 8.57
CA LYS B 3 -7.27 -24.59 8.72
C LYS B 3 -7.51 -24.01 10.10
N ILE B 4 -6.43 -23.57 10.76
CA ILE B 4 -6.55 -23.03 12.10
C ILE B 4 -7.34 -21.73 12.11
N LEU B 5 -7.08 -20.86 11.12
CA LEU B 5 -7.84 -19.61 11.02
C LEU B 5 -9.32 -19.88 10.77
N HIS B 6 -9.62 -20.85 9.90
CA HIS B 6 -11.00 -21.27 9.69
C HIS B 6 -11.61 -21.79 10.99
N ARG B 7 -10.80 -22.42 11.84
CA ARG B 7 -11.33 -23.02 13.07
C ARG B 7 -11.65 -21.94 14.11
N LEU B 8 -10.69 -21.05 14.37
CA LEU B 8 -10.90 -20.03 15.39
C LEU B 8 -12.01 -19.05 15.01
N LEU B 9 -12.16 -18.77 13.71
CA LEU B 9 -13.29 -17.97 13.27
C LEU B 9 -14.61 -18.70 13.44
N GLN B 10 -14.58 -20.04 13.40
CA GLN B 10 -15.78 -20.84 13.47
C GLN B 10 -16.19 -21.20 14.89
N ASP B 11 -15.26 -21.16 15.84
CA ASP B 11 -15.57 -21.55 17.21
C ASP B 11 -16.58 -20.60 17.83
N SER B 12 -17.62 -21.17 18.44
CA SER B 12 -18.69 -20.38 19.04
C SER B 12 -19.10 -20.96 20.39
N ASN C 7 8.99 29.89 -1.03
CA ASN C 7 10.20 29.11 -1.29
C ASN C 7 10.04 28.29 -2.56
N SER C 8 8.94 27.56 -2.66
CA SER C 8 8.64 26.71 -3.80
C SER C 8 7.40 27.24 -4.52
N LEU C 9 7.44 27.21 -5.86
CA LEU C 9 6.33 27.72 -6.65
C LEU C 9 5.17 26.75 -6.76
N ALA C 10 5.35 25.49 -6.37
CA ALA C 10 4.27 24.52 -6.47
C ALA C 10 3.13 24.85 -5.52
N LEU C 11 3.46 25.35 -4.32
CA LEU C 11 2.42 25.68 -3.35
C LEU C 11 1.63 26.91 -3.74
N SER C 12 2.16 27.75 -4.63
CA SER C 12 1.47 28.96 -5.06
C SER C 12 0.50 28.72 -6.20
N LEU C 13 0.53 27.54 -6.82
CA LEU C 13 -0.37 27.24 -7.92
C LEU C 13 -1.78 26.99 -7.40
N THR C 14 -2.77 27.36 -8.22
CA THR C 14 -4.16 27.09 -7.90
C THR C 14 -4.51 25.66 -8.30
N ALA C 15 -5.77 25.27 -8.06
CA ALA C 15 -6.20 23.91 -8.36
C ALA C 15 -6.21 23.66 -9.87
N ASP C 16 -6.79 24.58 -10.64
CA ASP C 16 -6.83 24.41 -12.09
C ASP C 16 -5.42 24.47 -12.68
N GLN C 17 -4.58 25.37 -12.17
CA GLN C 17 -3.20 25.43 -12.62
C GLN C 17 -2.43 24.17 -12.25
N MET C 18 -2.79 23.55 -11.13
CA MET C 18 -2.19 22.25 -10.78
C MET C 18 -2.63 21.17 -11.74
N VAL C 19 -3.93 21.14 -12.09
CA VAL C 19 -4.44 20.14 -13.02
C VAL C 19 -3.77 20.30 -14.39
N SER C 20 -3.70 21.54 -14.88
CA SER C 20 -3.15 21.78 -16.21
C SER C 20 -1.68 21.39 -16.29
N ALA C 21 -0.91 21.71 -15.26
CA ALA C 21 0.51 21.35 -15.26
C ALA C 21 0.70 19.84 -15.25
N LEU C 22 -0.20 19.10 -14.61
CA LEU C 22 -0.09 17.64 -14.59
C LEU C 22 -0.59 17.02 -15.89
N LEU C 23 -1.64 17.58 -16.48
CA LEU C 23 -2.12 17.10 -17.77
C LEU C 23 -1.08 17.34 -18.86
N ASP C 24 -0.52 18.55 -18.92
CA ASP C 24 0.48 18.87 -19.92
C ASP C 24 1.75 18.05 -19.76
N ALA C 25 2.01 17.54 -18.56
CA ALA C 25 3.19 16.75 -18.28
C ALA C 25 3.00 15.26 -18.58
N GLU C 26 1.82 14.86 -19.02
CA GLU C 26 1.52 13.45 -19.21
C GLU C 26 2.49 12.83 -20.22
N PRO C 27 3.13 11.71 -19.91
CA PRO C 27 3.98 11.04 -20.88
C PRO C 27 3.15 10.45 -22.00
N PRO C 28 3.76 10.21 -23.17
CA PRO C 28 3.01 9.66 -24.29
C PRO C 28 2.84 8.14 -24.16
N ILE C 29 1.87 7.62 -24.90
CA ILE C 29 1.62 6.18 -24.95
C ILE C 29 2.56 5.59 -25.99
N LEU C 30 3.52 4.79 -25.54
CA LEU C 30 4.50 4.20 -26.43
C LEU C 30 3.94 2.93 -27.07
N TYR C 31 4.55 2.53 -28.19
CA TYR C 31 4.16 1.33 -28.91
C TYR C 31 5.14 0.20 -28.64
N SER C 32 4.61 -1.02 -28.64
CA SER C 32 5.45 -2.19 -28.52
C SER C 32 6.18 -2.46 -29.84
N GLU C 33 7.14 -3.33 -29.79
CA GLU C 33 7.92 -3.62 -30.94
C GLU C 33 7.05 -4.36 -31.93
N TYR C 34 7.28 -4.10 -33.21
CA TYR C 34 6.24 -4.14 -34.23
C TYR C 34 5.85 -5.56 -34.52
N ASP C 35 6.67 -6.50 -34.08
CA ASP C 35 6.56 -7.84 -34.59
C ASP C 35 5.20 -8.42 -34.22
N PRO C 36 4.50 -9.04 -35.26
CA PRO C 36 3.08 -9.19 -34.96
C PRO C 36 2.93 -10.18 -33.83
N THR C 37 3.62 -11.30 -33.97
CA THR C 37 4.31 -11.99 -32.88
C THR C 37 3.36 -12.80 -31.98
N ARG C 38 2.07 -12.82 -32.31
CA ARG C 38 1.04 -12.74 -31.29
C ARG C 38 1.03 -13.94 -30.36
N PRO C 39 1.18 -15.18 -30.96
CA PRO C 39 1.42 -16.28 -30.01
C PRO C 39 2.74 -16.06 -29.29
N PHE C 40 2.73 -16.18 -27.97
CA PHE C 40 3.88 -15.75 -27.20
C PHE C 40 4.50 -16.90 -26.42
N SER C 41 5.76 -16.72 -26.07
CA SER C 41 6.48 -17.58 -25.13
C SER C 41 6.85 -16.75 -23.91
N GLU C 42 7.50 -17.39 -22.95
CA GLU C 42 7.97 -16.67 -21.77
C GLU C 42 9.04 -15.65 -22.14
N ALA C 43 9.99 -16.04 -22.99
CA ALA C 43 11.10 -15.15 -23.32
C ALA C 43 10.65 -14.02 -24.25
N SER C 44 9.72 -14.31 -25.17
CA SER C 44 9.29 -13.28 -26.10
C SER C 44 8.39 -12.25 -25.42
N MET C 45 7.49 -12.70 -24.54
CA MET C 45 6.63 -11.76 -23.83
C MET C 45 7.42 -10.92 -22.84
N MET C 46 8.37 -11.55 -22.13
CA MET C 46 9.20 -10.78 -21.21
C MET C 46 10.12 -9.82 -21.95
N GLY C 47 10.52 -10.15 -23.18
CA GLY C 47 11.32 -9.23 -23.95
C GLY C 47 10.54 -7.99 -24.38
N LEU C 48 9.29 -8.20 -24.81
CA LEU C 48 8.46 -7.05 -25.22
C LEU C 48 8.17 -6.13 -24.04
N LEU C 49 7.84 -6.70 -22.88
CA LEU C 49 7.50 -5.87 -21.73
C LEU C 49 8.73 -5.16 -21.18
N THR C 50 9.86 -5.87 -21.09
CA THR C 50 11.09 -5.26 -20.60
C THR C 50 11.53 -4.11 -21.49
N ASN C 51 11.51 -4.32 -22.81
CA ASN C 51 11.83 -3.25 -23.74
C ASN C 51 10.86 -2.09 -23.60
N LEU C 52 9.58 -2.38 -23.45
CA LEU C 52 8.59 -1.33 -23.26
C LEU C 52 8.81 -0.58 -21.95
N ALA C 53 9.07 -1.31 -20.87
CA ALA C 53 9.25 -0.67 -19.57
C ALA C 53 10.49 0.21 -19.55
N ASP C 54 11.54 -0.19 -20.28
CA ASP C 54 12.76 0.60 -20.29
C ASP C 54 12.56 1.93 -20.99
N ARG C 55 11.79 1.95 -22.08
CA ARG C 55 11.52 3.18 -22.79
C ARG C 55 10.51 4.06 -22.04
N GLU C 56 9.55 3.45 -21.34
CA GLU C 56 8.62 4.22 -20.54
C GLU C 56 9.31 4.89 -19.35
N LEU C 57 10.36 4.27 -18.81
CA LEU C 57 11.08 4.87 -17.69
C LEU C 57 11.71 6.21 -18.09
N VAL C 58 12.24 6.29 -19.30
CA VAL C 58 12.88 7.53 -19.76
C VAL C 58 11.86 8.66 -19.79
N HIS C 59 10.63 8.37 -20.23
CA HIS C 59 9.59 9.40 -20.23
C HIS C 59 9.09 9.68 -18.82
N MET C 60 9.03 8.66 -17.97
CA MET C 60 8.59 8.87 -16.59
C MET C 60 9.52 9.80 -15.84
N ILE C 61 10.83 9.62 -16.01
CA ILE C 61 11.80 10.47 -15.33
C ILE C 61 11.64 11.92 -15.75
N ASN C 62 11.39 12.16 -17.04
CA ASN C 62 11.15 13.52 -17.48
C ASN C 62 9.76 14.01 -17.08
N TRP C 63 8.80 13.09 -16.91
CA TRP C 63 7.51 13.49 -16.36
C TRP C 63 7.62 13.86 -14.89
N ALA C 64 8.53 13.22 -14.15
CA ALA C 64 8.68 13.51 -12.73
C ALA C 64 9.18 14.92 -12.51
N LYS C 65 10.15 15.37 -13.31
CA LYS C 65 10.65 16.74 -13.21
C LYS C 65 9.58 17.77 -13.49
N ARG C 66 8.55 17.41 -14.25
CA ARG C 66 7.44 18.32 -14.53
C ARG C 66 6.37 18.32 -13.44
N VAL C 67 6.45 17.39 -12.49
CA VAL C 67 5.50 17.38 -11.38
C VAL C 67 5.77 18.57 -10.47
N PRO C 68 4.78 19.40 -10.17
CA PRO C 68 5.03 20.62 -9.37
C PRO C 68 5.56 20.26 -7.99
N GLY C 69 6.74 20.79 -7.68
CA GLY C 69 7.39 20.57 -6.41
C GLY C 69 8.49 19.53 -6.44
N PHE C 70 8.55 18.70 -7.48
CA PHE C 70 9.53 17.63 -7.54
C PHE C 70 10.93 18.16 -7.80
N VAL C 71 11.06 19.25 -8.58
CA VAL C 71 12.38 19.83 -8.85
C VAL C 71 12.97 20.40 -7.57
N ASP C 72 12.13 20.91 -6.66
CA ASP C 72 12.63 21.54 -5.45
C ASP C 72 13.38 20.57 -4.55
N LEU C 73 13.12 19.26 -4.66
CA LEU C 73 13.86 18.28 -3.89
C LEU C 73 15.30 18.21 -4.37
N THR C 74 16.17 17.72 -3.50
CA THR C 74 17.56 17.50 -3.87
C THR C 74 17.66 16.36 -4.89
N LEU C 75 18.84 16.23 -5.50
CA LEU C 75 19.04 15.18 -6.49
C LEU C 75 18.89 13.80 -5.85
N HIS C 76 19.42 13.62 -4.65
CA HIS C 76 19.30 12.33 -3.96
C HIS C 76 17.85 12.05 -3.58
N ASP C 77 17.10 13.08 -3.20
CA ASP C 77 15.69 12.89 -2.87
C ASP C 77 14.88 12.49 -4.09
N GLN C 78 15.15 13.12 -5.24
CA GLN C 78 14.47 12.74 -6.47
C GLN C 78 14.78 11.31 -6.86
N VAL C 79 16.05 10.90 -6.70
CA VAL C 79 16.44 9.52 -7.01
C VAL C 79 15.70 8.54 -6.12
N HIS C 80 15.61 8.84 -4.82
CA HIS C 80 14.98 7.92 -3.89
C HIS C 80 13.48 7.75 -4.20
N LEU C 81 12.81 8.86 -4.53
CA LEU C 81 11.38 8.77 -4.80
C LEU C 81 11.10 7.95 -6.06
N LEU C 82 11.88 8.16 -7.11
CA LEU C 82 11.69 7.40 -8.34
C LEU C 82 12.07 5.93 -8.16
N GLU C 83 13.11 5.65 -7.36
CA GLU C 83 13.51 4.26 -7.16
C GLU C 83 12.41 3.44 -6.51
N CYS C 84 11.66 4.03 -5.57
CA CYS C 84 10.62 3.33 -4.85
CA CYS C 84 10.63 3.32 -4.84
C CYS C 84 9.29 3.31 -5.57
N ALA C 85 9.03 4.31 -6.41
CA ALA C 85 7.71 4.46 -7.04
C ALA C 85 7.63 4.01 -8.49
N TRP C 86 8.76 3.69 -9.13
CA TRP C 86 8.77 3.56 -10.58
C TRP C 86 7.84 2.45 -11.06
N LEU C 87 7.79 1.32 -10.35
CA LEU C 87 6.93 0.23 -10.80
C LEU C 87 5.46 0.54 -10.49
N GLU C 88 5.19 1.21 -9.37
CA GLU C 88 3.83 1.67 -9.09
C GLU C 88 3.33 2.60 -10.19
N ILE C 89 4.18 3.52 -10.64
CA ILE C 89 3.78 4.48 -11.66
C ILE C 89 3.54 3.79 -12.99
N LEU C 90 4.38 2.82 -13.34
CA LEU C 90 4.14 2.02 -14.54
C LEU C 90 2.81 1.29 -14.46
N MET C 91 2.52 0.69 -13.30
CA MET C 91 1.32 -0.14 -13.17
C MET C 91 0.06 0.71 -13.23
N ILE C 92 0.02 1.82 -12.49
CA ILE C 92 -1.20 2.63 -12.47
C ILE C 92 -1.45 3.25 -13.84
N GLY C 93 -0.40 3.50 -14.61
CA GLY C 93 -0.59 3.96 -15.98
C GLY C 93 -1.14 2.85 -16.87
N LEU C 94 -0.58 1.65 -16.77
CA LEU C 94 -1.11 0.51 -17.50
C LEU C 94 -2.57 0.24 -17.13
N VAL C 95 -2.89 0.30 -15.83
CA VAL C 95 -4.27 0.10 -15.39
C VAL C 95 -5.18 1.16 -15.98
N TRP C 96 -4.72 2.42 -16.00
CA TRP C 96 -5.53 3.50 -16.55
C TRP C 96 -5.74 3.32 -18.05
N ARG C 97 -4.71 2.84 -18.78
CA ARG C 97 -4.87 2.62 -20.21
C ARG C 97 -5.83 1.47 -20.49
N SER C 98 -5.98 0.54 -19.55
CA SER C 98 -6.79 -0.65 -19.74
C SER C 98 -8.24 -0.47 -19.28
N MET C 99 -8.64 0.75 -18.94
CA MET C 99 -9.98 0.98 -18.42
C MET C 99 -11.04 0.65 -19.47
N GLU C 100 -10.86 1.18 -20.68
CA GLU C 100 -11.84 1.00 -21.75
C GLU C 100 -11.76 -0.38 -22.39
N HIS C 101 -10.97 -1.29 -21.85
CA HIS C 101 -10.83 -2.65 -22.38
C HIS C 101 -10.98 -3.63 -21.22
N PRO C 102 -12.22 -3.94 -20.82
CA PRO C 102 -12.42 -4.86 -19.70
C PRO C 102 -11.87 -6.25 -19.99
N GLY C 103 -11.27 -6.85 -18.98
CA GLY C 103 -10.63 -8.14 -19.14
C GLY C 103 -9.33 -8.13 -19.90
N LYS C 104 -8.85 -6.96 -20.31
CA LYS C 104 -7.62 -6.84 -21.10
C LYS C 104 -6.68 -5.83 -20.43
N LEU C 105 -5.40 -5.99 -20.71
CA LEU C 105 -4.36 -5.07 -20.26
C LEU C 105 -3.70 -4.46 -21.48
N LEU C 106 -3.76 -3.13 -21.60
CA LEU C 106 -3.23 -2.42 -22.75
C LEU C 106 -1.83 -1.92 -22.42
N PHE C 107 -0.85 -2.79 -22.62
CA PHE C 107 0.54 -2.38 -22.45
C PHE C 107 0.94 -1.36 -23.51
N ALA C 108 0.40 -1.53 -24.71
CA ALA C 108 0.62 -0.62 -25.84
C ALA C 108 -0.58 -0.74 -26.76
N PRO C 109 -0.82 0.25 -27.63
CA PRO C 109 -1.93 0.13 -28.57
C PRO C 109 -1.85 -1.10 -29.46
N ASN C 110 -0.65 -1.64 -29.68
CA ASN C 110 -0.46 -2.86 -30.47
C ASN C 110 -0.04 -4.04 -29.60
N LEU C 111 -0.39 -4.01 -28.30
CA LEU C 111 -0.05 -5.09 -27.39
C LEU C 111 -1.12 -5.14 -26.29
N LEU C 112 -2.25 -5.74 -26.64
CA LEU C 112 -3.37 -5.93 -25.73
C LEU C 112 -3.43 -7.40 -25.34
N LEU C 113 -3.32 -7.67 -24.04
CA LEU C 113 -3.23 -9.04 -23.54
C LEU C 113 -4.35 -9.33 -22.55
N ASP C 114 -4.66 -10.62 -22.40
CA ASP C 114 -5.64 -11.10 -21.43
C ASP C 114 -4.93 -11.98 -20.41
N ARG C 115 -5.71 -12.51 -19.45
CA ARG C 115 -5.12 -13.32 -18.40
C ARG C 115 -4.61 -14.67 -18.90
N ASN C 116 -5.13 -15.16 -20.02
CA ASN C 116 -4.64 -16.42 -20.59
C ASN C 116 -3.19 -16.27 -21.05
N GLN C 117 -2.84 -15.10 -21.58
CA GLN C 117 -1.47 -14.88 -22.04
C GLN C 117 -0.51 -14.63 -20.88
N GLY C 118 -1.02 -14.22 -19.72
CA GLY C 118 -0.18 -14.11 -18.55
C GLY C 118 0.33 -15.43 -18.02
N LYS C 119 -0.30 -16.55 -18.43
CA LYS C 119 0.16 -17.86 -18.00
C LYS C 119 1.47 -18.26 -18.67
N CYS C 120 1.84 -17.60 -19.77
CA CYS C 120 3.10 -17.92 -20.42
C CYS C 120 4.28 -17.62 -19.51
N VAL C 121 4.22 -16.52 -18.77
CA VAL C 121 5.25 -16.15 -17.82
C VAL C 121 4.92 -16.76 -16.47
N GLU C 122 5.92 -17.33 -15.83
CA GLU C 122 5.72 -18.04 -14.56
C GLU C 122 5.59 -17.03 -13.43
N GLY C 123 4.40 -16.94 -12.84
CA GLY C 123 4.15 -16.04 -11.73
C GLY C 123 3.52 -14.72 -12.11
N MET C 124 3.31 -14.46 -13.40
CA MET C 124 2.72 -13.20 -13.83
C MET C 124 1.19 -13.22 -13.82
N VAL C 125 0.58 -14.41 -13.93
CA VAL C 125 -0.88 -14.49 -13.97
C VAL C 125 -1.49 -13.96 -12.69
N GLU C 126 -0.79 -14.07 -11.57
CA GLU C 126 -1.27 -13.49 -10.32
C GLU C 126 -1.25 -11.97 -10.39
N ILE C 127 -0.16 -11.39 -10.90
CA ILE C 127 -0.07 -9.94 -11.04
C ILE C 127 -1.10 -9.44 -12.05
N PHE C 128 -1.34 -10.23 -13.10
CA PHE C 128 -2.33 -9.86 -14.11
C PHE C 128 -3.71 -9.70 -13.49
N ASP C 129 -4.15 -10.68 -12.70
CA ASP C 129 -5.49 -10.64 -12.11
C ASP C 129 -5.64 -9.42 -11.20
N MET C 130 -4.60 -9.09 -10.44
CA MET C 130 -4.67 -7.90 -9.59
C MET C 130 -4.73 -6.64 -10.43
N LEU C 131 -3.98 -6.59 -11.54
CA LEU C 131 -4.02 -5.41 -12.42
C LEU C 131 -5.37 -5.26 -13.08
N LEU C 132 -5.93 -6.37 -13.59
CA LEU C 132 -7.27 -6.33 -14.18
C LEU C 132 -8.31 -5.90 -13.15
N ALA C 133 -8.15 -6.36 -11.90
CA ALA C 133 -9.09 -5.99 -10.85
C ALA C 133 -9.03 -4.50 -10.55
N THR C 134 -7.83 -3.92 -10.59
CA THR C 134 -7.69 -2.48 -10.39
C THR C 134 -8.32 -1.71 -11.54
N SER C 135 -8.20 -2.21 -12.77
CA SER C 135 -8.80 -1.55 -13.91
C SER C 135 -10.32 -1.59 -13.81
N SER C 136 -10.88 -2.73 -13.42
CA SER C 136 -12.33 -2.82 -13.19
C SER C 136 -12.76 -1.87 -12.08
N ARG C 137 -11.94 -1.74 -11.04
CA ARG C 137 -12.27 -0.83 -9.95
C ARG C 137 -12.28 0.61 -10.43
N PHE C 138 -11.29 1.00 -11.23
CA PHE C 138 -11.28 2.34 -11.81
C PHE C 138 -12.48 2.54 -12.73
N ARG C 139 -12.79 1.53 -13.55
CA ARG C 139 -13.92 1.64 -14.47
C ARG C 139 -15.24 1.69 -13.72
N MET C 140 -15.35 0.94 -12.62
CA MET C 140 -16.57 1.00 -11.81
C MET C 140 -16.72 2.35 -11.12
N MET C 141 -15.61 2.96 -10.70
CA MET C 141 -15.64 4.26 -10.07
C MET C 141 -15.72 5.41 -11.07
N ASN C 142 -15.58 5.13 -12.37
CA ASN C 142 -15.56 6.16 -13.41
C ASN C 142 -14.45 7.17 -13.16
N LEU C 143 -13.23 6.65 -13.03
CA LEU C 143 -12.07 7.48 -12.76
C LEU C 143 -11.81 8.43 -13.92
N GLN C 144 -11.60 9.70 -13.60
CA GLN C 144 -11.32 10.72 -14.60
C GLN C 144 -9.82 10.95 -14.74
N GLY C 145 -9.42 11.44 -15.92
CA GLY C 145 -8.01 11.67 -16.18
C GLY C 145 -7.40 12.71 -15.25
N GLU C 146 -8.18 13.73 -14.89
CA GLU C 146 -7.70 14.72 -13.93
C GLU C 146 -7.44 14.07 -12.58
N GLU C 147 -8.26 13.09 -12.20
CA GLU C 147 -8.01 12.35 -10.97
C GLU C 147 -6.81 11.42 -11.10
N PHE C 148 -6.61 10.85 -12.30
CA PHE C 148 -5.54 9.89 -12.49
C PHE C 148 -4.17 10.56 -12.35
N VAL C 149 -3.99 11.72 -12.98
CA VAL C 149 -2.71 12.40 -12.89
C VAL C 149 -2.44 12.88 -11.46
N CYS C 150 -3.49 13.16 -10.70
CA CYS C 150 -3.30 13.49 -9.29
C CYS C 150 -2.86 12.27 -8.50
N LEU C 151 -3.49 11.11 -8.74
CA LEU C 151 -3.10 9.90 -8.02
C LEU C 151 -1.68 9.48 -8.36
N LYS C 152 -1.29 9.63 -9.63
CA LYS C 152 0.04 9.19 -10.04
C LYS C 152 1.13 10.05 -9.41
N SER C 153 0.91 11.36 -9.32
CA SER C 153 1.87 12.23 -8.66
C SER C 153 1.92 11.98 -7.15
N ILE C 154 0.78 11.65 -6.55
CA ILE C 154 0.77 11.28 -5.14
C ILE C 154 1.67 10.06 -4.92
N ILE C 155 1.60 9.08 -5.82
CA ILE C 155 2.45 7.91 -5.72
C ILE C 155 3.92 8.30 -5.74
N LEU C 156 4.29 9.23 -6.63
CA LEU C 156 5.69 9.62 -6.78
C LEU C 156 6.22 10.27 -5.50
N LEU C 157 5.42 11.12 -4.87
CA LEU C 157 5.87 11.87 -3.70
C LEU C 157 5.70 11.11 -2.40
N ASN C 158 4.71 10.21 -2.32
CA ASN C 158 4.39 9.57 -1.05
C ASN C 158 5.16 8.27 -0.83
N SER C 159 5.35 7.46 -1.87
CA SER C 159 5.84 6.10 -1.70
C SER C 159 7.22 6.03 -1.08
N GLY C 160 8.01 7.09 -1.16
CA GLY C 160 9.35 7.07 -0.60
C GLY C 160 9.59 8.08 0.50
N VAL C 161 8.53 8.78 0.93
CA VAL C 161 8.70 9.87 1.88
C VAL C 161 9.06 9.37 3.28
N TYR C 162 8.77 8.11 3.60
CA TYR C 162 9.03 7.57 4.92
C TYR C 162 10.24 6.63 4.95
N THR C 163 11.00 6.57 3.87
CA THR C 163 12.25 5.82 3.83
C THR C 163 13.46 6.73 3.75
N PHE C 164 13.29 8.00 4.10
CA PHE C 164 14.39 8.96 4.14
C PHE C 164 15.25 8.75 5.38
N GLU C 173 12.28 19.79 7.83
CA GLU C 173 12.97 20.61 6.85
C GLU C 173 12.55 20.23 5.42
N GLU C 174 13.15 19.16 4.90
CA GLU C 174 12.83 18.71 3.55
C GLU C 174 11.62 17.80 3.53
N LYS C 175 11.35 17.09 4.63
CA LYS C 175 10.19 16.20 4.67
C LYS C 175 8.88 16.97 4.71
N ASP C 176 8.88 18.16 5.32
CA ASP C 176 7.66 18.97 5.36
C ASP C 176 7.30 19.49 3.98
N HIS C 177 8.28 19.62 3.08
CA HIS C 177 8.00 20.10 1.74
C HIS C 177 7.12 19.13 0.98
N ILE C 178 7.48 17.83 0.99
CA ILE C 178 6.71 16.83 0.26
C ILE C 178 5.29 16.75 0.81
N HIS C 179 5.14 16.79 2.13
CA HIS C 179 3.81 16.68 2.73
C HIS C 179 2.93 17.88 2.37
N ARG C 180 3.53 19.08 2.30
CA ARG C 180 2.75 20.23 1.87
C ARG C 180 2.36 20.14 0.41
N VAL C 181 3.21 19.55 -0.43
CA VAL C 181 2.83 19.34 -1.82
C VAL C 181 1.76 18.25 -1.91
N LEU C 182 1.86 17.23 -1.06
CA LEU C 182 0.82 16.20 -1.01
C LEU C 182 -0.52 16.81 -0.59
N ASP C 183 -0.50 17.73 0.37
CA ASP C 183 -1.73 18.42 0.76
C ASP C 183 -2.29 19.25 -0.39
N LYS C 184 -1.41 19.80 -1.23
CA LYS C 184 -1.87 20.56 -2.38
C LYS C 184 -2.66 19.68 -3.35
N ILE C 185 -2.14 18.48 -3.62
CA ILE C 185 -2.85 17.56 -4.52
C ILE C 185 -4.18 17.12 -3.91
N THR C 186 -4.22 16.95 -2.59
CA THR C 186 -5.48 16.64 -1.92
C THR C 186 -6.49 17.75 -2.12
N ASP C 187 -6.06 19.00 -1.97
CA ASP C 187 -6.94 20.12 -2.28
C ASP C 187 -7.35 20.10 -3.74
N THR C 188 -6.48 19.64 -4.62
CA THR C 188 -6.80 19.58 -6.05
C THR C 188 -7.82 18.48 -6.33
N LEU C 189 -7.66 17.31 -5.70
CA LEU C 189 -8.62 16.23 -5.89
C LEU C 189 -10.01 16.64 -5.44
N ILE C 190 -10.11 17.25 -4.25
CA ILE C 190 -11.41 17.71 -3.76
C ILE C 190 -11.98 18.78 -4.68
N HIS C 191 -11.13 19.68 -5.17
CA HIS C 191 -11.60 20.70 -6.10
C HIS C 191 -12.18 20.08 -7.37
N LEU C 192 -11.57 18.99 -7.84
CA LEU C 192 -12.12 18.30 -9.01
C LEU C 192 -13.45 17.65 -8.70
N MET C 193 -13.61 17.12 -7.49
CA MET C 193 -14.87 16.44 -7.14
C MET C 193 -15.98 17.44 -6.88
N ALA C 194 -15.67 18.58 -6.25
CA ALA C 194 -16.65 19.63 -6.09
C ALA C 194 -17.00 20.27 -7.43
N LYS C 195 -16.09 20.19 -8.40
CA LYS C 195 -16.35 20.72 -9.74
C LYS C 195 -17.37 19.86 -10.48
N ALA C 196 -17.38 18.56 -10.22
CA ALA C 196 -18.27 17.62 -10.91
C ALA C 196 -19.63 17.50 -10.26
N GLY C 197 -19.88 18.24 -9.17
CA GLY C 197 -21.19 18.24 -8.55
C GLY C 197 -21.39 17.27 -7.41
N LEU C 198 -20.33 16.61 -6.95
CA LEU C 198 -20.46 15.68 -5.83
C LEU C 198 -20.73 16.45 -4.54
N THR C 199 -21.57 15.86 -3.69
CA THR C 199 -21.87 16.49 -2.40
C THR C 199 -20.66 16.36 -1.47
N LEU C 200 -20.76 17.02 -0.31
CA LEU C 200 -19.67 16.99 0.66
C LEU C 200 -19.39 15.57 1.14
N GLN C 201 -20.45 14.79 1.42
CA GLN C 201 -20.25 13.41 1.84
C GLN C 201 -19.65 12.58 0.71
N GLN C 202 -20.07 12.82 -0.52
CA GLN C 202 -19.52 12.08 -1.66
C GLN C 202 -18.09 12.48 -1.98
N GLN C 203 -17.66 13.67 -1.54
CA GLN C 203 -16.30 14.12 -1.84
C GLN C 203 -15.27 13.36 -1.01
N HIS C 204 -15.45 13.35 0.31
CA HIS C 204 -14.48 12.65 1.16
C HIS C 204 -14.61 11.14 1.05
N GLN C 205 -15.78 10.63 0.67
CA GLN C 205 -15.91 9.20 0.43
C GLN C 205 -15.13 8.77 -0.80
N ARG C 206 -15.27 9.53 -1.90
CA ARG C 206 -14.55 9.20 -3.12
C ARG C 206 -13.05 9.39 -2.94
N LEU C 207 -12.64 10.44 -2.22
CA LEU C 207 -11.23 10.63 -1.91
C LEU C 207 -10.66 9.41 -1.18
N ALA C 208 -11.41 8.88 -0.21
CA ALA C 208 -10.94 7.72 0.52
C ALA C 208 -10.84 6.49 -0.37
N GLN C 209 -11.85 6.26 -1.21
CA GLN C 209 -11.83 5.10 -2.11
C GLN C 209 -10.63 5.15 -3.05
N LEU C 210 -10.34 6.33 -3.60
CA LEU C 210 -9.22 6.46 -4.53
C LEU C 210 -7.89 6.22 -3.81
N LEU C 211 -7.73 6.76 -2.60
CA LEU C 211 -6.47 6.61 -1.90
C LEU C 211 -6.26 5.19 -1.38
N LEU C 212 -7.33 4.46 -1.07
CA LEU C 212 -7.19 3.09 -0.63
C LEU C 212 -6.70 2.18 -1.74
N ILE C 213 -7.01 2.51 -3.00
CA ILE C 213 -6.50 1.73 -4.12
C ILE C 213 -4.98 1.84 -4.22
N LEU C 214 -4.42 2.95 -3.74
CA LEU C 214 -2.97 3.09 -3.74
C LEU C 214 -2.29 2.03 -2.88
N SER C 215 -2.95 1.60 -1.80
CA SER C 215 -2.40 0.53 -0.98
C SER C 215 -2.26 -0.75 -1.79
N HIS C 216 -3.25 -1.06 -2.63
CA HIS C 216 -3.19 -2.25 -3.48
CA HIS C 216 -3.15 -2.26 -3.45
C HIS C 216 -2.19 -2.08 -4.61
N ILE C 217 -2.03 -0.87 -5.13
CA ILE C 217 -1.02 -0.63 -6.15
C ILE C 217 0.37 -0.83 -5.57
N ARG C 218 0.58 -0.38 -4.33
CA ARG C 218 1.82 -0.70 -3.63
C ARG C 218 2.01 -2.20 -3.51
N HIS C 219 0.94 -2.93 -3.18
CA HIS C 219 1.03 -4.38 -3.06
C HIS C 219 1.40 -5.01 -4.39
N MET C 220 0.75 -4.59 -5.48
CA MET C 220 1.08 -5.12 -6.80
C MET C 220 2.52 -4.83 -7.17
N SER C 221 3.02 -3.65 -6.80
CA SER C 221 4.41 -3.31 -7.10
C SER C 221 5.37 -4.22 -6.35
N ASN C 222 5.10 -4.46 -5.07
CA ASN C 222 5.97 -5.32 -4.29
C ASN C 222 5.99 -6.74 -4.85
N LYS C 223 4.81 -7.29 -5.13
CA LYS C 223 4.76 -8.62 -5.74
C LYS C 223 5.38 -8.60 -7.14
N GLY C 224 5.30 -7.47 -7.83
CA GLY C 224 5.95 -7.35 -9.13
C GLY C 224 7.46 -7.33 -9.01
N MET C 225 7.99 -6.64 -8.00
CA MET C 225 9.43 -6.60 -7.80
C MET C 225 10.00 -7.99 -7.57
N GLU C 226 9.30 -8.81 -6.77
CA GLU C 226 9.74 -10.18 -6.54
C GLU C 226 9.83 -10.96 -7.85
N HIS C 227 8.81 -10.83 -8.69
CA HIS C 227 8.80 -11.55 -9.96
C HIS C 227 9.91 -11.07 -10.89
N LEU C 228 10.17 -9.76 -10.92
CA LEU C 228 11.23 -9.23 -11.76
C LEU C 228 12.61 -9.61 -11.21
N TYR C 229 12.72 -9.79 -9.89
CA TYR C 229 13.99 -10.22 -9.31
C TYR C 229 14.33 -11.65 -9.71
N SER C 230 13.34 -12.54 -9.68
CA SER C 230 13.55 -13.90 -10.15
C SER C 230 13.82 -13.96 -11.64
N MET C 231 13.34 -12.96 -12.40
CA MET C 231 13.67 -12.89 -13.82
C MET C 231 15.13 -12.57 -14.04
N LYS C 232 15.71 -11.72 -13.17
CA LYS C 232 17.14 -11.47 -13.24
C LYS C 232 17.94 -12.72 -12.88
N CYS C 233 17.47 -13.50 -11.90
CA CYS C 233 18.17 -14.72 -11.51
C CYS C 233 17.96 -15.85 -12.52
N LYS C 234 16.84 -15.81 -13.26
CA LYS C 234 16.66 -16.77 -14.34
C LYS C 234 17.54 -16.42 -15.56
N ASN C 235 17.85 -15.14 -15.73
CA ASN C 235 18.68 -14.66 -16.83
C ASN C 235 18.12 -15.08 -18.19
N VAL C 236 16.80 -15.17 -18.29
CA VAL C 236 16.17 -15.57 -19.55
C VAL C 236 16.22 -14.43 -20.56
N VAL C 237 15.96 -13.20 -20.12
CA VAL C 237 15.98 -12.02 -20.98
C VAL C 237 17.00 -11.05 -20.40
N PRO C 238 17.95 -10.54 -21.20
CA PRO C 238 18.92 -9.56 -20.68
C PRO C 238 18.21 -8.26 -20.32
N LEU C 239 18.39 -7.83 -19.07
CA LEU C 239 17.80 -6.59 -18.60
C LEU C 239 18.75 -5.43 -18.85
N SER C 240 18.19 -4.27 -19.19
CA SER C 240 19.01 -3.10 -19.40
C SER C 240 19.61 -2.63 -18.08
N ASP C 241 20.73 -1.90 -18.20
CA ASP C 241 21.43 -1.42 -17.00
C ASP C 241 20.56 -0.45 -16.20
N LEU C 242 19.73 0.34 -16.88
CA LEU C 242 18.82 1.23 -16.16
C LEU C 242 17.81 0.44 -15.35
N LEU C 243 17.21 -0.59 -15.95
CA LEU C 243 16.27 -1.43 -15.22
C LEU C 243 16.95 -2.17 -14.08
N LEU C 244 18.21 -2.58 -14.28
CA LEU C 244 18.94 -3.25 -13.21
C LEU C 244 19.17 -2.32 -12.02
N GLU C 245 19.44 -1.05 -12.28
CA GLU C 245 19.67 -0.10 -11.20
C GLU C 245 18.37 0.20 -10.46
N MET C 246 17.25 0.30 -11.19
CA MET C 246 15.96 0.50 -10.54
C MET C 246 15.53 -0.75 -9.77
N LEU C 247 15.98 -1.93 -10.21
CA LEU C 247 15.61 -3.17 -9.54
C LEU C 247 16.50 -3.43 -8.33
N ASP C 248 17.79 -3.14 -8.43
CA ASP C 248 18.70 -3.31 -7.30
C ASP C 248 18.41 -2.34 -6.17
N ALA C 249 17.70 -1.25 -6.44
CA ALA C 249 17.38 -0.29 -5.38
C ALA C 249 16.48 -0.90 -4.32
N HIS C 250 15.68 -1.90 -4.69
CA HIS C 250 14.84 -2.63 -3.74
C HIS C 250 15.56 -3.82 -3.12
N ARG C 251 16.86 -3.95 -3.34
CA ARG C 251 17.66 -5.03 -2.77
C ARG C 251 17.09 -6.41 -3.08
N HIS D 2 28.16 5.84 -9.56
CA HIS D 2 27.60 6.42 -10.78
C HIS D 2 26.31 5.73 -11.18
N LYS D 3 25.19 6.43 -11.02
CA LYS D 3 23.88 5.90 -11.37
C LYS D 3 23.41 6.49 -12.69
N ILE D 4 22.82 5.64 -13.54
CA ILE D 4 22.18 6.14 -14.76
C ILE D 4 21.04 7.08 -14.41
N LEU D 5 20.34 6.80 -13.32
CA LEU D 5 19.23 7.66 -12.88
C LEU D 5 19.73 9.07 -12.56
N HIS D 6 20.96 9.20 -12.06
CA HIS D 6 21.53 10.52 -11.84
C HIS D 6 21.64 11.30 -13.14
N ARG D 7 22.10 10.64 -14.21
CA ARG D 7 22.33 11.34 -15.47
C ARG D 7 21.00 11.74 -16.12
N LEU D 8 19.98 10.90 -16.00
CA LEU D 8 18.72 11.19 -16.69
C LEU D 8 17.96 12.33 -16.01
N LEU D 9 18.10 12.48 -14.70
CA LEU D 9 17.40 13.55 -13.99
C LEU D 9 18.02 14.92 -14.27
N GLN D 10 19.29 14.97 -14.68
CA GLN D 10 19.94 16.24 -14.98
C GLN D 10 19.81 16.62 -16.46
N ASP D 11 19.58 15.66 -17.34
CA ASP D 11 19.36 15.95 -18.76
C ASP D 11 17.92 16.42 -18.96
N SER D 12 17.51 16.53 -20.23
CA SER D 12 16.15 16.94 -20.55
C SER D 12 15.65 16.21 -21.79
#